data_3ODP
#
_entry.id   3ODP
#
_cell.length_a   89.364
_cell.length_b   89.364
_cell.length_c   120.012
_cell.angle_alpha   90.000
_cell.angle_beta   90.000
_cell.angle_gamma   120.000
#
_symmetry.space_group_name_H-M   'P 32 2 1'
#
loop_
_entity.id
_entity.type
_entity.pdbx_description
1 polymer 'putative tagatose-6-phosphate ketose/aldose isomerase'
2 non-polymer 'TETRAETHYLENE GLYCOL'
3 non-polymer 'PHOSPHATE ION'
4 water water
#
_entity_poly.entity_id   1
_entity_poly.type   'polypeptide(L)'
_entity_poly.pdbx_seq_one_letter_code
;G(MSE)KNLLGYSEDYLKERKGYITAKEICNQPKLWRETYEIILSQREKLKSFLDNFAKKPNAKIVITGAGSSAFVGNSV
VSYLNAKENIKIEAIATTDIVSHPFYYLKKDEPTLLISCARSGNSPESTAAVTLAEKIVDDISHLIITCNSEGKLALHAK
RNYNSFLLL(MSE)PEESNDKGFA(MSE)TGSFST(MSE)LLSCLLIFNLDKLESIGKQIESIS(MSE)QGEKVLVNNVE
L(MSE)KKIVGEKFKRTVYLGAANAFGLAKESALKVLELTAGKIATLYDTPLGFRHGPKSIIDDETLIVIFFSNDTYARE
YEYDLLKEVYSQNGNHKVLAISEYEDKLIEDNSDYFIAINKEEQEYEDDSFLSLDYLLNAQ(MSE)YAFINS(MSE)ELG
IGPDNPCPTGEVNRVVKGVIIHDYR
;
_entity_poly.pdbx_strand_id   A
#
loop_
_chem_comp.id
_chem_comp.type
_chem_comp.name
_chem_comp.formula
PG4 non-polymer 'TETRAETHYLENE GLYCOL' 'C8 H18 O5'
PO4 non-polymer 'PHOSPHATE ION' 'O4 P -3'
#
# COMPACT_ATOMS: atom_id res chain seq x y z
N GLY A 1 -10.08 -32.33 -9.85
CA GLY A 1 -9.79 -31.04 -9.17
C GLY A 1 -8.89 -30.15 -10.01
N MSE A 2 -9.11 -28.85 -9.92
CA MSE A 2 -8.35 -27.88 -10.70
CA MSE A 2 -8.40 -27.85 -10.74
C MSE A 2 -8.15 -26.59 -9.90
O MSE A 2 -9.00 -26.19 -9.10
CB MSE A 2 -9.05 -27.61 -12.05
CB MSE A 2 -9.24 -27.50 -11.98
CG MSE A 2 -8.10 -27.59 -13.25
CG MSE A 2 -8.68 -26.36 -12.86
SE MSE A 2 -7.13 -29.26 -13.51
SE MSE A 2 -9.78 -25.98 -14.43
CE MSE A 2 -6.11 -28.77 -15.11
CE MSE A 2 -8.48 -24.89 -15.41
N LYS A 3 -7.00 -25.95 -10.11
CA LYS A 3 -6.59 -24.77 -9.34
C LYS A 3 -7.51 -23.60 -9.61
N ASN A 4 -7.90 -22.90 -8.55
CA ASN A 4 -8.58 -21.62 -8.68
C ASN A 4 -7.83 -20.52 -7.95
N LEU A 5 -7.67 -19.37 -8.59
CA LEU A 5 -7.19 -18.16 -7.94
C LEU A 5 -8.30 -17.11 -8.00
N LEU A 6 -8.70 -16.60 -6.82
CA LEU A 6 -9.72 -15.54 -6.73
C LEU A 6 -11.05 -15.91 -7.41
N GLY A 7 -11.42 -17.18 -7.29
CA GLY A 7 -12.65 -17.69 -7.88
C GLY A 7 -12.56 -18.04 -9.36
N TYR A 8 -11.35 -18.10 -9.91
CA TYR A 8 -11.18 -18.31 -11.34
C TYR A 8 -10.07 -19.34 -11.63
N SER A 9 -10.08 -19.90 -12.83
CA SER A 9 -9.13 -20.96 -13.18
C SER A 9 -7.91 -20.38 -13.89
N GLU A 10 -6.75 -21.04 -13.77
CA GLU A 10 -5.52 -20.53 -14.38
C GLU A 10 -5.68 -20.40 -15.90
N ASP A 11 -6.43 -21.32 -16.50
CA ASP A 11 -6.75 -21.28 -17.93
C ASP A 11 -7.70 -20.13 -18.27
N TYR A 12 -8.72 -19.90 -17.43
CA TYR A 12 -9.67 -18.79 -17.63
C TYR A 12 -8.99 -17.42 -17.48
N LEU A 13 -8.02 -17.34 -16.57
CA LEU A 13 -7.24 -16.11 -16.32
C LEU A 13 -6.28 -15.78 -17.44
N LYS A 14 -5.54 -16.77 -17.93
CA LYS A 14 -4.64 -16.54 -19.06
C LYS A 14 -5.42 -16.09 -20.30
N GLU A 15 -6.66 -16.56 -20.44
CA GLU A 15 -7.53 -16.21 -21.56
C GLU A 15 -7.72 -14.70 -21.63
N ARG A 16 -8.38 -14.13 -20.62
CA ARG A 16 -8.61 -12.68 -20.55
CA ARG A 16 -8.60 -12.68 -20.57
C ARG A 16 -7.38 -11.94 -20.01
N LYS A 17 -6.20 -12.28 -20.55
CA LYS A 17 -4.91 -11.70 -20.15
C LYS A 17 -4.88 -11.16 -18.72
N GLY A 18 -5.00 -12.05 -17.75
CA GLY A 18 -5.03 -11.67 -16.33
C GLY A 18 -4.30 -12.55 -15.31
N TYR A 19 -3.57 -13.58 -15.75
CA TYR A 19 -2.90 -14.51 -14.81
C TYR A 19 -1.83 -13.82 -13.96
N ILE A 20 -0.97 -13.03 -14.60
CA ILE A 20 0.19 -12.45 -13.92
C ILE A 20 -0.23 -11.74 -12.63
N THR A 21 -1.15 -10.79 -12.74
CA THR A 21 -1.57 -10.02 -11.58
C THR A 21 -2.30 -10.86 -10.52
N ALA A 22 -2.82 -12.01 -10.94
CA ALA A 22 -3.58 -12.86 -10.02
C ALA A 22 -2.69 -13.67 -9.06
N LYS A 23 -1.66 -14.33 -9.61
CA LYS A 23 -0.72 -15.08 -8.78
C LYS A 23 -0.05 -14.13 -7.79
N GLU A 24 0.42 -12.99 -8.30
CA GLU A 24 1.16 -11.99 -7.51
C GLU A 24 0.38 -11.44 -6.32
N ILE A 25 -0.93 -11.40 -6.46
CA ILE A 25 -1.84 -11.01 -5.37
C ILE A 25 -1.95 -12.14 -4.34
N CYS A 26 -2.09 -13.39 -4.80
CA CYS A 26 -2.25 -14.53 -3.90
C CYS A 26 -0.93 -14.96 -3.26
N ASN A 27 0.18 -14.45 -3.78
CA ASN A 27 1.52 -14.77 -3.25
C ASN A 27 1.90 -13.89 -2.07
N GLN A 28 1.14 -12.83 -1.83
CA GLN A 28 1.51 -11.85 -0.82
C GLN A 28 1.75 -12.48 0.55
N PRO A 29 0.89 -13.40 0.99
CA PRO A 29 1.15 -14.04 2.29
C PRO A 29 2.56 -14.64 2.44
N LYS A 30 3.01 -15.47 1.49
CA LYS A 30 4.37 -15.99 1.52
C LYS A 30 5.41 -14.85 1.46
N LEU A 31 5.28 -13.94 0.50
CA LEU A 31 6.16 -12.76 0.42
C LEU A 31 6.38 -12.07 1.76
N TRP A 32 5.35 -12.01 2.60
CA TRP A 32 5.46 -11.30 3.88
C TRP A 32 6.35 -12.06 4.85
N ARG A 33 6.17 -13.37 4.92
CA ARG A 33 7.07 -14.21 5.70
C ARG A 33 8.49 -14.07 5.14
N GLU A 34 8.61 -14.03 3.81
CA GLU A 34 9.91 -13.87 3.15
C GLU A 34 10.51 -12.51 3.52
N THR A 35 9.68 -11.47 3.56
CA THR A 35 10.14 -10.14 3.89
C THR A 35 10.62 -10.07 5.34
N TYR A 36 9.89 -10.70 6.26
CA TYR A 36 10.32 -10.71 7.66
C TYR A 36 11.70 -11.31 7.80
N GLU A 37 11.90 -12.45 7.13
CA GLU A 37 13.20 -13.14 7.15
C GLU A 37 14.34 -12.24 6.62
N ILE A 38 14.10 -11.52 5.54
CA ILE A 38 15.09 -10.58 5.01
C ILE A 38 15.51 -9.54 6.05
N ILE A 39 14.54 -8.92 6.73
CA ILE A 39 14.87 -7.88 7.71
C ILE A 39 15.59 -8.49 8.91
N LEU A 40 15.09 -9.63 9.40
CA LEU A 40 15.77 -10.35 10.47
C LEU A 40 17.22 -10.69 10.12
N SER A 41 17.49 -11.15 8.90
CA SER A 41 18.87 -11.51 8.51
C SER A 41 19.77 -10.27 8.39
N GLN A 42 19.20 -9.13 8.02
CA GLN A 42 19.93 -7.87 7.91
C GLN A 42 19.87 -7.04 9.19
N ARG A 43 19.21 -7.56 10.23
CA ARG A 43 19.00 -6.82 11.48
C ARG A 43 20.24 -6.06 11.95
N GLU A 44 21.36 -6.77 12.10
CA GLU A 44 22.55 -6.17 12.70
C GLU A 44 23.10 -5.05 11.82
N LYS A 45 23.05 -5.27 10.51
CA LYS A 45 23.54 -4.31 9.52
C LYS A 45 22.63 -3.07 9.48
N LEU A 46 21.30 -3.27 9.50
CA LEU A 46 20.35 -2.16 9.53
C LEU A 46 20.39 -1.39 10.85
N LYS A 47 20.42 -2.09 11.99
CA LYS A 47 20.49 -1.39 13.29
C LYS A 47 21.63 -0.35 13.34
N SER A 48 22.86 -0.77 13.04
CA SER A 48 23.99 0.15 13.12
C SER A 48 23.88 1.28 12.08
N PHE A 49 23.41 0.96 10.88
CA PHE A 49 23.21 1.97 9.84
C PHE A 49 22.15 3.01 10.26
N LEU A 50 21.07 2.57 10.87
CA LEU A 50 19.99 3.47 11.29
C LEU A 50 20.35 4.28 12.55
N ASP A 51 20.99 3.64 13.53
CA ASP A 51 21.37 4.34 14.77
C ASP A 51 22.50 5.34 14.55
N ASN A 52 23.37 5.07 13.57
CA ASN A 52 24.48 5.97 13.24
C ASN A 52 23.94 7.24 12.59
N PHE A 53 23.02 7.09 11.66
CA PHE A 53 22.34 8.22 11.10
C PHE A 53 21.55 9.01 12.14
N ALA A 54 20.76 8.30 12.95
CA ALA A 54 19.87 8.92 13.95
C ALA A 54 20.56 9.82 14.97
N LYS A 55 21.83 9.57 15.28
CA LYS A 55 22.59 10.41 16.20
C LYS A 55 22.96 11.81 15.64
N LYS A 56 22.86 11.99 14.33
CA LYS A 56 23.28 13.26 13.68
C LYS A 56 22.27 14.38 14.01
N PRO A 57 22.74 15.52 14.57
CA PRO A 57 21.84 16.60 14.96
C PRO A 57 21.05 17.20 13.82
N ASN A 58 19.77 17.51 14.07
CA ASN A 58 18.86 18.13 13.10
C ASN A 58 18.48 17.13 12.04
N ALA A 59 18.67 15.85 12.33
CA ALA A 59 18.46 14.81 11.34
C ALA A 59 17.00 14.59 11.06
N LYS A 60 16.69 14.23 9.82
CA LYS A 60 15.33 13.81 9.47
C LYS A 60 15.35 12.65 8.47
N ILE A 61 14.25 11.90 8.46
CA ILE A 61 14.08 10.79 7.56
C ILE A 61 12.89 11.10 6.68
N VAL A 62 13.09 10.98 5.37
CA VAL A 62 12.03 11.16 4.37
C VAL A 62 11.81 9.83 3.66
N ILE A 63 10.61 9.27 3.76
CA ILE A 63 10.20 8.11 2.97
C ILE A 63 9.57 8.58 1.63
N THR A 64 10.22 8.24 0.52
CA THR A 64 9.85 8.74 -0.81
C THR A 64 9.55 7.63 -1.82
N GLY A 65 8.82 8.00 -2.86
CA GLY A 65 8.35 7.08 -3.87
C GLY A 65 7.37 7.83 -4.79
N ALA A 66 7.05 7.21 -5.92
CA ALA A 66 6.08 7.75 -6.85
C ALA A 66 4.88 6.82 -6.95
N GLY A 67 3.69 7.40 -7.02
CA GLY A 67 2.47 6.64 -7.17
C GLY A 67 2.27 5.68 -6.03
N SER A 68 1.82 4.47 -6.36
CA SER A 68 1.60 3.45 -5.35
C SER A 68 2.81 3.35 -4.37
N SER A 69 4.02 3.62 -4.86
CA SER A 69 5.22 3.60 -4.03
C SER A 69 5.31 4.79 -3.03
N ALA A 70 4.75 5.95 -3.39
CA ALA A 70 4.60 7.10 -2.48
C ALA A 70 3.67 6.74 -1.31
N PHE A 71 2.59 6.00 -1.62
CA PHE A 71 1.57 5.61 -0.64
C PHE A 71 2.08 4.68 0.44
N VAL A 72 3.18 3.99 0.15
CA VAL A 72 3.94 3.25 1.17
C VAL A 72 4.24 4.18 2.35
N GLY A 73 4.90 5.31 2.09
CA GLY A 73 5.19 6.25 3.17
C GLY A 73 3.95 6.71 3.92
N ASN A 74 2.93 7.08 3.17
CA ASN A 74 1.68 7.55 3.77
C ASN A 74 1.05 6.50 4.69
N SER A 75 1.26 5.21 4.36
CA SER A 75 0.65 4.12 5.11
C SER A 75 1.38 3.82 6.43
N VAL A 76 2.51 4.49 6.71
CA VAL A 76 3.31 4.11 7.90
C VAL A 76 3.78 5.30 8.74
N VAL A 77 3.82 6.47 8.13
CA VAL A 77 4.55 7.57 8.73
C VAL A 77 3.82 8.18 9.95
N SER A 78 2.49 8.13 9.97
CA SER A 78 1.75 8.57 11.14
C SER A 78 2.25 7.83 12.38
N TYR A 79 2.29 6.50 12.31
CA TYR A 79 2.89 5.66 13.36
C TYR A 79 4.36 5.91 13.64
N LEU A 80 5.18 5.92 12.58
CA LEU A 80 6.65 5.96 12.76
C LEU A 80 7.14 7.31 13.26
N ASN A 81 6.54 8.37 12.76
CA ASN A 81 6.86 9.71 13.26
C ASN A 81 6.52 9.88 14.74
N ALA A 82 5.45 9.21 15.19
CA ALA A 82 5.04 9.25 16.59
C ALA A 82 5.82 8.29 17.49
N LYS A 83 6.47 7.30 16.89
CA LYS A 83 7.23 6.32 17.65
C LYS A 83 8.62 6.83 17.94
N GLU A 84 9.22 7.46 16.93
CA GLU A 84 10.60 7.94 16.98
C GLU A 84 10.69 9.45 17.17
N ASN A 85 11.63 9.90 18.01
CA ASN A 85 11.94 11.32 18.16
C ASN A 85 12.24 12.01 16.86
N ILE A 86 13.10 11.38 16.06
CA ILE A 86 13.52 11.92 14.78
C ILE A 86 12.31 12.08 13.86
N LYS A 87 12.32 13.16 13.10
CA LYS A 87 11.29 13.47 12.11
C LYS A 87 11.25 12.40 11.03
N ILE A 88 10.10 11.73 10.88
CA ILE A 88 9.88 10.80 9.77
C ILE A 88 8.70 11.28 8.95
N GLU A 89 8.95 11.63 7.69
CA GLU A 89 7.97 12.23 6.79
C GLU A 89 7.78 11.44 5.51
N ALA A 90 6.57 11.47 4.95
CA ALA A 90 6.32 10.96 3.60
C ALA A 90 6.34 12.12 2.60
N ILE A 91 7.34 12.15 1.73
CA ILE A 91 7.38 13.12 0.65
C ILE A 91 7.63 12.36 -0.65
N ALA A 92 6.64 12.38 -1.52
CA ALA A 92 6.70 11.69 -2.80
C ALA A 92 7.85 12.18 -3.67
N THR A 93 8.47 11.28 -4.41
CA THR A 93 9.46 11.69 -5.41
C THR A 93 8.87 12.67 -6.39
N THR A 94 7.59 12.48 -6.72
CA THR A 94 6.90 13.38 -7.64
C THR A 94 6.62 14.79 -7.07
N ASP A 95 7.03 15.03 -5.83
CA ASP A 95 7.06 16.37 -5.20
C ASP A 95 8.51 16.88 -5.06
N ILE A 96 9.41 16.02 -4.59
CA ILE A 96 10.82 16.39 -4.46
C ILE A 96 11.39 16.88 -5.80
N VAL A 97 11.04 16.20 -6.87
CA VAL A 97 11.61 16.47 -8.21
C VAL A 97 11.16 17.80 -8.82
N SER A 98 9.94 18.24 -8.53
CA SER A 98 9.51 19.54 -9.05
C SER A 98 10.00 20.69 -8.16
N HIS A 99 10.13 20.45 -6.85
CA HIS A 99 10.51 21.52 -5.90
C HIS A 99 11.51 21.09 -4.84
N PRO A 100 12.71 20.66 -5.25
CA PRO A 100 13.66 20.11 -4.30
C PRO A 100 13.97 21.05 -3.14
N PHE A 101 13.95 22.36 -3.41
CA PHE A 101 14.35 23.34 -2.40
C PHE A 101 13.28 23.64 -1.32
N TYR A 102 12.09 23.03 -1.43
CA TYR A 102 11.15 22.99 -0.29
C TYR A 102 11.41 21.82 0.68
N TYR A 103 12.20 20.84 0.26
CA TYR A 103 12.35 19.61 1.02
C TYR A 103 13.77 19.16 1.35
N LEU A 104 14.77 19.89 0.87
CA LEU A 104 16.16 19.49 1.09
C LEU A 104 16.99 20.74 1.37
N LYS A 105 17.78 20.69 2.44
CA LYS A 105 18.58 21.79 2.92
C LYS A 105 20.00 21.31 3.17
N LYS A 106 20.97 22.19 2.91
CA LYS A 106 22.38 21.87 3.03
C LYS A 106 22.74 21.43 4.46
N ASP A 107 22.28 22.18 5.45
CA ASP A 107 22.72 22.00 6.85
C ASP A 107 21.87 20.96 7.61
N GLU A 108 21.08 20.16 6.90
CA GLU A 108 20.12 19.25 7.53
C GLU A 108 20.42 17.80 7.15
N PRO A 109 21.10 17.05 8.03
CA PRO A 109 21.38 15.66 7.67
C PRO A 109 20.10 14.91 7.30
N THR A 110 20.12 14.21 6.18
CA THR A 110 18.91 13.55 5.69
C THR A 110 19.12 12.11 5.27
N LEU A 111 18.19 11.23 5.68
CA LEU A 111 18.14 9.84 5.23
C LEU A 111 16.95 9.74 4.31
N LEU A 112 17.21 9.40 3.05
CA LEU A 112 16.18 9.19 2.06
C LEU A 112 15.93 7.68 1.99
N ILE A 113 14.71 7.29 2.36
CA ILE A 113 14.23 5.92 2.17
C ILE A 113 13.45 5.87 0.86
N SER A 114 14.10 5.39 -0.20
CA SER A 114 13.50 5.34 -1.54
C SER A 114 12.78 4.00 -1.74
N CYS A 115 11.51 4.08 -2.10
CA CYS A 115 10.73 2.89 -2.38
C CYS A 115 10.46 2.84 -3.88
N ALA A 116 10.53 1.65 -4.46
CA ALA A 116 10.15 1.49 -5.87
C ALA A 116 10.14 0.02 -6.28
N ARG A 117 9.12 -0.35 -7.05
CA ARG A 117 8.96 -1.70 -7.59
C ARG A 117 10.03 -1.93 -8.64
N SER A 118 9.89 -1.26 -9.78
CA SER A 118 10.82 -1.42 -10.91
C SER A 118 12.16 -0.74 -10.64
N GLY A 119 12.13 0.33 -9.86
CA GLY A 119 13.27 1.23 -9.76
C GLY A 119 13.56 1.92 -11.09
N ASN A 120 12.61 1.91 -12.02
CA ASN A 120 12.83 2.46 -13.35
C ASN A 120 12.03 3.74 -13.58
N SER A 121 11.42 4.26 -12.52
CA SER A 121 10.77 5.56 -12.61
C SER A 121 11.85 6.64 -12.56
N PRO A 122 11.93 7.50 -13.59
CA PRO A 122 12.93 8.59 -13.63
C PRO A 122 12.94 9.47 -12.38
N GLU A 123 11.76 9.78 -11.84
CA GLU A 123 11.65 10.52 -10.58
C GLU A 123 12.40 9.84 -9.42
N SER A 124 12.37 8.50 -9.39
CA SER A 124 13.06 7.73 -8.35
C SER A 124 14.56 8.03 -8.36
N THR A 125 15.14 8.07 -9.56
CA THR A 125 16.56 8.35 -9.73
C THR A 125 16.90 9.85 -9.51
N ALA A 126 16.09 10.72 -10.09
CA ALA A 126 16.30 12.17 -9.97
C ALA A 126 16.14 12.70 -8.53
N ALA A 127 15.27 12.06 -7.74
CA ALA A 127 15.13 12.43 -6.33
C ALA A 127 16.42 12.16 -5.58
N VAL A 128 17.00 10.97 -5.74
CA VAL A 128 18.28 10.60 -5.12
C VAL A 128 19.38 11.56 -5.56
N THR A 129 19.47 11.82 -6.86
CA THR A 129 20.48 12.70 -7.45
C THR A 129 20.31 14.20 -7.13
N LEU A 130 19.11 14.63 -6.73
CA LEU A 130 18.90 16.01 -6.24
C LEU A 130 19.38 16.10 -4.80
N ALA A 131 19.09 15.06 -4.02
CA ALA A 131 19.50 15.02 -2.63
C ALA A 131 21.03 15.15 -2.55
N GLU A 132 21.73 14.37 -3.36
CA GLU A 132 23.20 14.43 -3.42
C GLU A 132 23.69 15.82 -3.75
N LYS A 133 23.04 16.49 -4.71
CA LYS A 133 23.44 17.85 -5.12
C LYS A 133 23.34 18.89 -3.98
N ILE A 134 22.32 18.76 -3.14
CA ILE A 134 21.90 19.80 -2.19
C ILE A 134 22.29 19.57 -0.72
N VAL A 135 22.32 18.32 -0.26
CA VAL A 135 22.54 18.00 1.16
C VAL A 135 23.97 17.56 1.39
N ASP A 136 24.61 18.08 2.46
CA ASP A 136 25.94 17.62 2.85
C ASP A 136 25.84 16.17 3.34
N ASP A 137 25.20 15.97 4.48
CA ASP A 137 25.15 14.64 5.07
C ASP A 137 23.88 13.93 4.57
N ILE A 138 23.99 13.32 3.39
CA ILE A 138 22.90 12.57 2.79
C ILE A 138 23.17 11.04 2.81
N SER A 139 22.16 10.28 3.22
CA SER A 139 22.27 8.81 3.22
C SER A 139 21.07 8.20 2.50
N HIS A 140 21.22 7.01 1.93
CA HIS A 140 20.14 6.35 1.17
C HIS A 140 19.81 4.94 1.65
N LEU A 141 18.56 4.69 2.04
CA LEU A 141 18.08 3.31 2.18
C LEU A 141 17.20 3.06 0.96
N ILE A 142 17.65 2.16 0.09
CA ILE A 142 16.92 1.84 -1.12
C ILE A 142 16.16 0.55 -0.89
N ILE A 143 14.83 0.65 -0.85
CA ILE A 143 13.94 -0.48 -0.74
C ILE A 143 13.30 -0.66 -2.10
N THR A 144 13.77 -1.67 -2.83
CA THR A 144 13.27 -1.92 -4.17
C THR A 144 13.12 -3.42 -4.40
N CYS A 145 12.24 -3.76 -5.33
CA CYS A 145 11.97 -5.15 -5.69
C CYS A 145 12.79 -5.62 -6.91
N ASN A 146 13.47 -4.70 -7.57
CA ASN A 146 14.13 -4.93 -8.85
C ASN A 146 15.65 -4.67 -8.76
N SER A 147 16.42 -5.73 -8.57
CA SER A 147 17.88 -5.61 -8.46
C SER A 147 18.55 -5.09 -9.74
N GLU A 148 17.84 -5.20 -10.86
CA GLU A 148 18.29 -4.64 -12.14
C GLU A 148 17.68 -3.28 -12.36
N GLY A 149 16.86 -2.83 -11.40
CA GLY A 149 16.28 -1.52 -11.45
C GLY A 149 17.34 -0.44 -11.46
N LYS A 150 17.02 0.67 -12.13
CA LYS A 150 17.91 1.81 -12.20
C LYS A 150 18.23 2.30 -10.78
N LEU A 151 17.20 2.39 -9.94
CA LEU A 151 17.39 2.80 -8.56
C LEU A 151 18.35 1.88 -7.82
N ALA A 152 18.13 0.57 -7.90
CA ALA A 152 19.03 -0.40 -7.27
C ALA A 152 20.49 -0.17 -7.67
N LEU A 153 20.75 0.07 -8.95
CA LEU A 153 22.11 0.25 -9.47
C LEU A 153 22.90 1.36 -8.78
N HIS A 154 22.21 2.37 -8.25
CA HIS A 154 22.84 3.45 -7.48
C HIS A 154 23.48 2.99 -6.16
N ALA A 155 23.14 1.77 -5.72
CA ALA A 155 23.89 1.12 -4.65
C ALA A 155 25.38 1.00 -4.96
N LYS A 156 25.71 0.95 -6.27
CA LYS A 156 27.08 0.78 -6.73
C LYS A 156 27.81 2.11 -6.95
N ARG A 157 27.15 3.24 -6.65
CA ARG A 157 27.74 4.57 -6.87
C ARG A 157 28.51 5.00 -5.63
N ASN A 158 29.24 6.12 -5.71
CA ASN A 158 29.93 6.63 -4.52
C ASN A 158 28.99 7.44 -3.61
N TYR A 159 27.99 6.74 -3.07
CA TYR A 159 27.02 7.32 -2.15
C TYR A 159 27.00 6.55 -0.83
N ASN A 160 26.44 7.16 0.20
CA ASN A 160 26.14 6.46 1.43
C ASN A 160 24.85 5.71 1.19
N SER A 161 24.93 4.41 0.93
CA SER A 161 23.76 3.64 0.51
C SER A 161 23.66 2.25 1.11
N PHE A 162 22.42 1.86 1.42
CA PHE A 162 22.05 0.49 1.80
C PHE A 162 20.98 -0.04 0.86
N LEU A 163 21.31 -1.10 0.14
CA LEU A 163 20.38 -1.72 -0.80
C LEU A 163 19.65 -2.85 -0.07
N LEU A 164 18.39 -2.60 0.26
CA LEU A 164 17.52 -3.56 0.89
C LEU A 164 16.57 -4.07 -0.18
N LEU A 165 16.90 -5.21 -0.76
CA LEU A 165 16.09 -5.79 -1.83
C LEU A 165 14.91 -6.58 -1.27
N MSE A 166 13.71 -6.35 -1.82
CA MSE A 166 12.55 -7.16 -1.46
C MSE A 166 12.75 -8.54 -2.10
O MSE A 166 13.83 -8.80 -2.66
CB MSE A 166 11.27 -6.47 -1.94
CG MSE A 166 11.02 -5.07 -1.33
SE MSE A 166 10.88 -5.11 0.61
CE MSE A 166 12.76 -5.10 1.10
N PRO A 167 11.77 -9.45 -1.99
CA PRO A 167 11.98 -10.71 -2.70
C PRO A 167 11.82 -10.57 -4.22
N GLU A 168 12.47 -11.46 -4.97
CA GLU A 168 12.51 -11.41 -6.44
C GLU A 168 11.10 -11.48 -7.04
N GLU A 169 10.28 -12.36 -6.47
CA GLU A 169 8.90 -12.57 -6.93
C GLU A 169 8.03 -11.33 -6.65
N SER A 170 8.54 -10.40 -5.83
CA SER A 170 7.82 -9.17 -5.50
C SER A 170 7.96 -8.05 -6.54
N ASN A 171 8.80 -8.25 -7.57
CA ASN A 171 8.84 -7.35 -8.71
C ASN A 171 7.66 -7.66 -9.62
N ASP A 172 6.47 -7.30 -9.15
CA ASP A 172 5.22 -7.59 -9.86
C ASP A 172 5.31 -7.24 -11.35
N LYS A 173 5.22 -8.26 -12.20
CA LYS A 173 5.28 -8.04 -13.65
C LYS A 173 3.93 -7.49 -14.17
N GLY A 174 2.89 -7.63 -13.36
CA GLY A 174 1.58 -7.03 -13.65
C GLY A 174 1.55 -5.52 -13.48
N PHE A 175 0.56 -4.90 -14.11
CA PHE A 175 0.47 -3.45 -14.11
C PHE A 175 0.46 -2.94 -12.66
N ALA A 176 -0.49 -3.44 -11.89
CA ALA A 176 -0.71 -3.00 -10.53
C ALA A 176 0.32 -3.58 -9.56
N MSE A 177 0.92 -2.71 -8.75
CA MSE A 177 1.72 -3.14 -7.61
C MSE A 177 0.83 -3.80 -6.56
O MSE A 177 -0.14 -3.19 -6.06
CB MSE A 177 2.45 -1.96 -6.95
CG MSE A 177 3.74 -1.50 -7.65
SE MSE A 177 4.30 0.26 -7.01
CE MSE A 177 4.92 -0.34 -5.28
N THR A 178 1.17 -5.03 -6.22
CA THR A 178 0.48 -5.75 -5.18
C THR A 178 1.50 -6.07 -4.06
N GLY A 179 2.20 -7.18 -4.19
CA GLY A 179 3.26 -7.52 -3.25
C GLY A 179 4.47 -6.60 -3.24
N SER A 180 4.64 -5.82 -4.30
CA SER A 180 5.62 -4.73 -4.27
C SER A 180 5.21 -3.74 -3.19
N PHE A 181 3.99 -3.24 -3.25
CA PHE A 181 3.46 -2.33 -2.23
C PHE A 181 3.54 -2.92 -0.80
N SER A 182 2.94 -4.08 -0.59
CA SER A 182 2.78 -4.64 0.76
C SER A 182 4.09 -5.05 1.46
N THR A 183 5.03 -5.65 0.72
CA THR A 183 6.35 -5.96 1.28
C THR A 183 7.11 -4.70 1.69
N MSE A 184 6.97 -3.64 0.90
CA MSE A 184 7.63 -2.37 1.23
C MSE A 184 6.95 -1.66 2.42
O MSE A 184 7.62 -1.01 3.23
CB MSE A 184 7.75 -1.48 -0.02
CG MSE A 184 8.73 -2.08 -1.05
SE MSE A 184 9.20 -0.88 -2.50
CE MSE A 184 7.42 -0.62 -3.22
N LEU A 185 5.62 -1.84 2.55
CA LEU A 185 4.88 -1.37 3.73
C LEU A 185 5.44 -2.08 4.96
N LEU A 186 5.44 -3.41 4.94
CA LEU A 186 5.88 -4.22 6.07
C LEU A 186 7.33 -3.92 6.43
N SER A 187 8.15 -3.68 5.41
CA SER A 187 9.57 -3.43 5.61
C SER A 187 9.85 -2.13 6.36
N CYS A 188 9.10 -1.08 6.01
CA CYS A 188 9.22 0.19 6.72
C CYS A 188 8.82 0.04 8.21
N LEU A 189 7.83 -0.82 8.48
CA LEU A 189 7.37 -1.08 9.86
C LEU A 189 8.32 -1.94 10.68
N LEU A 190 8.98 -2.90 10.04
CA LEU A 190 9.91 -3.78 10.76
C LEU A 190 11.23 -3.05 11.02
N ILE A 191 11.72 -2.25 10.07
CA ILE A 191 13.05 -1.61 10.22
C ILE A 191 13.18 -0.62 11.39
N PHE A 192 12.07 -0.14 11.94
CA PHE A 192 12.10 0.64 13.20
C PHE A 192 11.60 -0.16 14.41
N ASN A 193 11.57 -1.49 14.26
CA ASN A 193 11.16 -2.41 15.32
C ASN A 193 12.17 -3.57 15.47
N LEU A 194 13.42 -3.31 15.09
CA LEU A 194 14.50 -4.29 15.18
C LEU A 194 14.72 -4.68 16.65
N ASP A 195 14.29 -3.76 17.52
CA ASP A 195 14.02 -3.97 18.93
C ASP A 195 13.24 -5.27 19.24
N LYS A 196 12.16 -5.45 18.51
CA LYS A 196 11.05 -6.29 18.89
C LYS A 196 10.76 -7.35 17.82
N LEU A 197 11.74 -7.64 16.97
CA LEU A 197 11.48 -8.48 15.80
C LEU A 197 10.93 -9.84 16.15
N GLU A 198 11.48 -10.51 17.18
CA GLU A 198 11.04 -11.86 17.49
C GLU A 198 9.56 -11.81 17.86
N SER A 199 9.18 -10.94 18.80
CA SER A 199 7.75 -10.86 19.20
C SER A 199 6.82 -10.38 18.08
N ILE A 200 7.31 -9.53 17.17
CA ILE A 200 6.52 -9.10 16.00
C ILE A 200 6.47 -10.21 14.94
N GLY A 201 7.43 -11.14 14.98
CA GLY A 201 7.42 -12.27 14.05
C GLY A 201 6.19 -13.14 14.24
N LYS A 202 5.81 -13.30 15.50
CA LYS A 202 4.57 -13.98 15.86
C LYS A 202 3.35 -13.25 15.27
N GLN A 203 3.38 -11.91 15.22
CA GLN A 203 2.28 -11.16 14.59
C GLN A 203 2.25 -11.37 13.07
N ILE A 204 3.41 -11.32 12.42
CA ILE A 204 3.46 -11.43 10.96
C ILE A 204 2.98 -12.81 10.51
N GLU A 205 3.27 -13.84 11.30
CA GLU A 205 2.77 -15.17 11.01
C GLU A 205 1.23 -15.22 11.03
N SER A 206 0.62 -14.64 12.06
CA SER A 206 -0.84 -14.55 12.18
C SER A 206 -1.46 -13.77 10.99
N ILE A 207 -0.86 -12.63 10.65
CA ILE A 207 -1.30 -11.83 9.48
C ILE A 207 -1.21 -12.60 8.15
N SER A 208 -0.15 -13.37 7.97
CA SER A 208 0.02 -14.18 6.77
C SER A 208 -1.00 -15.32 6.66
N MSE A 209 -1.28 -15.97 7.79
CA MSE A 209 -2.23 -17.09 7.85
C MSE A 209 -3.65 -16.60 7.55
O MSE A 209 -4.37 -17.20 6.75
CB MSE A 209 -2.14 -17.80 9.22
CG MSE A 209 -3.15 -18.95 9.47
SE MSE A 209 -2.90 -20.36 8.18
CE MSE A 209 -4.34 -21.60 8.72
N GLN A 210 -4.06 -15.50 8.17
CA GLN A 210 -5.38 -14.92 7.92
C GLN A 210 -5.44 -14.29 6.53
N GLY A 211 -4.29 -13.94 5.98
CA GLY A 211 -4.21 -13.42 4.61
C GLY A 211 -4.58 -14.48 3.59
N GLU A 212 -4.00 -15.68 3.75
CA GLU A 212 -4.34 -16.79 2.87
C GLU A 212 -5.84 -17.06 2.92
N LYS A 213 -6.44 -16.86 4.10
CA LYS A 213 -7.88 -17.07 4.29
C LYS A 213 -8.72 -15.99 3.62
N VAL A 214 -8.24 -14.75 3.61
CA VAL A 214 -8.94 -13.67 2.90
C VAL A 214 -9.13 -14.04 1.42
N LEU A 215 -8.03 -14.47 0.80
CA LEU A 215 -8.00 -14.80 -0.63
C LEU A 215 -8.86 -15.98 -1.05
N VAL A 216 -9.17 -16.89 -0.12
CA VAL A 216 -10.05 -18.03 -0.43
C VAL A 216 -11.49 -17.73 0.01
N ASN A 217 -11.65 -17.20 1.22
CA ASN A 217 -12.97 -17.14 1.87
C ASN A 217 -13.84 -15.94 1.45
N ASN A 218 -13.21 -14.86 1.05
CA ASN A 218 -13.93 -13.62 0.74
C ASN A 218 -14.22 -13.49 -0.76
N VAL A 219 -13.96 -14.54 -1.53
CA VAL A 219 -14.13 -14.53 -2.98
C VAL A 219 -15.60 -14.43 -3.38
N GLU A 220 -16.43 -15.28 -2.79
CA GLU A 220 -17.85 -15.31 -3.14
C GLU A 220 -18.46 -13.95 -2.75
N LEU A 221 -18.21 -13.51 -1.51
CA LEU A 221 -18.74 -12.20 -1.05
C LEU A 221 -18.35 -11.06 -1.98
N MSE A 222 -17.07 -11.03 -2.39
CA MSE A 222 -16.57 -10.00 -3.30
C MSE A 222 -17.24 -10.02 -4.66
O MSE A 222 -17.45 -8.96 -5.27
CB MSE A 222 -15.06 -10.14 -3.49
CG MSE A 222 -14.22 -9.42 -2.43
SE MSE A 222 -14.55 -7.52 -2.36
CE MSE A 222 -15.06 -7.29 -4.21
N LYS A 223 -17.57 -11.21 -5.14
CA LYS A 223 -18.14 -11.40 -6.48
C LYS A 223 -19.56 -10.86 -6.56
N LYS A 224 -20.31 -10.95 -5.46
CA LYS A 224 -21.66 -10.41 -5.42
C LYS A 224 -21.59 -8.89 -5.37
N ILE A 225 -20.56 -8.36 -4.71
CA ILE A 225 -20.35 -6.91 -4.58
C ILE A 225 -20.05 -6.24 -5.92
N VAL A 226 -19.13 -6.83 -6.68
CA VAL A 226 -18.78 -6.35 -8.02
C VAL A 226 -19.97 -6.37 -9.01
N GLY A 227 -20.78 -7.42 -8.94
CA GLY A 227 -21.95 -7.57 -9.80
C GLY A 227 -22.85 -6.35 -9.92
N GLU A 228 -22.80 -5.48 -8.91
CA GLU A 228 -23.56 -4.21 -8.92
C GLU A 228 -23.05 -3.16 -9.95
N LYS A 229 -21.98 -3.47 -10.69
CA LYS A 229 -21.41 -2.56 -11.71
C LYS A 229 -21.26 -1.14 -11.15
N PHE A 230 -20.69 -1.04 -9.96
CA PHE A 230 -20.49 0.23 -9.27
C PHE A 230 -19.75 1.18 -10.17
N LYS A 231 -20.21 2.42 -10.23
CA LYS A 231 -19.60 3.42 -11.09
C LYS A 231 -18.75 4.39 -10.28
N ARG A 232 -18.69 4.18 -8.96
CA ARG A 232 -17.90 5.01 -8.04
C ARG A 232 -17.53 4.18 -6.82
N THR A 233 -16.32 4.36 -6.32
CA THR A 233 -15.93 3.71 -5.06
C THR A 233 -15.18 4.69 -4.15
N VAL A 234 -15.56 4.69 -2.88
CA VAL A 234 -14.93 5.52 -1.87
C VAL A 234 -14.25 4.61 -0.85
N TYR A 235 -13.01 4.94 -0.51
CA TYR A 235 -12.28 4.24 0.54
C TYR A 235 -11.94 5.20 1.69
N LEU A 236 -12.35 4.81 2.90
CA LEU A 236 -12.17 5.62 4.10
C LEU A 236 -11.25 4.90 5.08
N GLY A 237 -10.22 5.60 5.54
CA GLY A 237 -9.27 5.04 6.52
C GLY A 237 -8.60 6.16 7.28
N ALA A 238 -8.57 6.05 8.61
CA ALA A 238 -8.01 7.11 9.45
C ALA A 238 -6.53 6.84 9.71
N ALA A 239 -5.75 7.91 9.80
CA ALA A 239 -4.34 7.85 10.15
C ALA A 239 -3.55 6.96 9.17
N ASN A 240 -2.99 5.86 9.66
CA ASN A 240 -2.20 4.95 8.81
C ASN A 240 -3.06 4.35 7.72
N ALA A 241 -4.31 4.04 8.04
CA ALA A 241 -5.27 3.56 7.04
C ALA A 241 -5.59 4.60 5.94
N PHE A 242 -5.26 5.87 6.16
CA PHE A 242 -5.39 6.85 5.08
C PHE A 242 -4.55 6.45 3.86
N GLY A 243 -3.30 6.09 4.12
CA GLY A 243 -2.44 5.57 3.07
C GLY A 243 -3.05 4.37 2.37
N LEU A 244 -3.58 3.43 3.14
CA LEU A 244 -4.20 2.23 2.58
C LEU A 244 -5.37 2.63 1.70
N ALA A 245 -6.07 3.70 2.11
CA ALA A 245 -7.17 4.22 1.32
C ALA A 245 -6.71 4.77 -0.02
N LYS A 246 -5.63 5.56 -0.03
CA LYS A 246 -5.09 6.08 -1.29
C LYS A 246 -4.73 4.95 -2.27
N GLU A 247 -4.01 3.94 -1.79
CA GLU A 247 -3.65 2.80 -2.63
C GLU A 247 -4.87 1.97 -3.05
N SER A 248 -5.86 1.85 -2.18
CA SER A 248 -7.03 1.02 -2.48
C SER A 248 -7.86 1.73 -3.53
N ALA A 249 -8.06 3.03 -3.32
CA ALA A 249 -8.64 3.90 -4.33
C ALA A 249 -7.89 3.81 -5.66
N LEU A 250 -6.55 3.84 -5.63
CA LEU A 250 -5.79 3.81 -6.88
C LEU A 250 -5.90 2.47 -7.65
N LYS A 251 -5.80 1.34 -6.96
CA LYS A 251 -5.79 0.07 -7.67
C LYS A 251 -7.10 -0.22 -8.38
N VAL A 252 -8.25 0.09 -7.78
CA VAL A 252 -9.55 -0.18 -8.44
CA VAL A 252 -9.53 -0.19 -8.43
C VAL A 252 -9.79 0.78 -9.59
N LEU A 253 -9.27 2.00 -9.48
CA LEU A 253 -9.21 2.97 -10.56
C LEU A 253 -8.33 2.46 -11.69
N GLU A 254 -7.05 2.17 -11.40
CA GLU A 254 -6.08 1.70 -12.39
C GLU A 254 -6.65 0.56 -13.24
N LEU A 255 -7.14 -0.46 -12.53
CA LEU A 255 -7.47 -1.74 -13.13
C LEU A 255 -8.77 -1.70 -13.93
N THR A 256 -9.61 -0.69 -13.70
CA THR A 256 -10.79 -0.51 -14.53
C THR A 256 -10.56 0.48 -15.68
N ALA A 257 -9.34 0.99 -15.82
CA ALA A 257 -9.00 1.92 -16.89
C ALA A 257 -9.83 3.18 -16.80
N GLY A 258 -10.08 3.62 -15.56
CA GLY A 258 -10.92 4.78 -15.28
C GLY A 258 -12.36 4.61 -15.73
N LYS A 259 -12.91 3.41 -15.54
CA LYS A 259 -14.35 3.20 -15.66
C LYS A 259 -15.06 3.32 -14.29
N ILE A 260 -14.35 3.09 -13.19
CA ILE A 260 -14.89 3.31 -11.84
C ILE A 260 -14.23 4.49 -11.16
N ALA A 261 -14.97 5.59 -10.99
CA ALA A 261 -14.45 6.80 -10.36
C ALA A 261 -14.17 6.56 -8.88
N THR A 262 -13.01 7.01 -8.42
CA THR A 262 -12.58 6.77 -7.05
C THR A 262 -12.35 8.04 -6.28
N LEU A 263 -12.46 7.94 -4.96
CA LEU A 263 -12.11 9.03 -4.04
C LEU A 263 -11.69 8.38 -2.72
N TYR A 264 -10.74 9.02 -2.04
CA TYR A 264 -10.23 8.52 -0.77
C TYR A 264 -10.31 9.65 0.25
N ASP A 265 -10.54 9.32 1.52
CA ASP A 265 -10.59 10.31 2.60
C ASP A 265 -10.52 9.60 3.95
N THR A 266 -10.53 10.36 5.04
CA THR A 266 -10.65 9.77 6.39
C THR A 266 -12.14 9.80 6.73
N PRO A 267 -12.56 9.05 7.78
CA PRO A 267 -14.00 9.06 8.02
C PRO A 267 -14.50 10.43 8.53
N LEU A 268 -13.92 10.94 9.61
CA LEU A 268 -14.22 12.26 10.12
C LEU A 268 -14.17 13.34 9.02
N GLY A 269 -13.13 13.24 8.18
CA GLY A 269 -12.88 14.21 7.11
C GLY A 269 -13.88 14.17 5.98
N PHE A 270 -14.43 12.99 5.75
CA PHE A 270 -15.40 12.71 4.69
C PHE A 270 -16.61 13.62 4.75
N ARG A 271 -17.12 13.87 5.96
CA ARG A 271 -18.32 14.68 6.15
C ARG A 271 -18.21 16.08 5.54
N HIS A 272 -17.03 16.67 5.59
CA HIS A 272 -16.86 18.10 5.29
C HIS A 272 -16.83 18.48 3.80
N GLY A 273 -17.72 17.89 2.99
CA GLY A 273 -17.78 18.18 1.54
C GLY A 273 -17.53 16.98 0.62
N PRO A 274 -16.41 16.29 0.79
CA PRO A 274 -16.10 15.18 -0.12
C PRO A 274 -17.21 14.12 -0.28
N LYS A 275 -17.87 13.80 0.84
CA LYS A 275 -19.09 13.01 0.92
C LYS A 275 -20.11 13.28 -0.20
N SER A 276 -20.16 14.52 -0.70
CA SER A 276 -21.03 14.87 -1.82
C SER A 276 -20.99 13.81 -2.92
N ILE A 277 -19.85 13.16 -3.07
CA ILE A 277 -19.65 12.07 -4.05
C ILE A 277 -20.71 10.94 -4.03
N ILE A 278 -21.32 10.66 -2.88
CA ILE A 278 -22.23 9.52 -2.72
C ILE A 278 -23.46 9.62 -3.62
N ASP A 279 -23.45 8.85 -4.71
CA ASP A 279 -24.63 8.61 -5.53
C ASP A 279 -25.07 7.16 -5.35
N ASP A 280 -26.10 6.76 -6.08
CA ASP A 280 -26.70 5.42 -5.95
C ASP A 280 -25.87 4.30 -6.58
N GLU A 281 -24.83 4.68 -7.32
CA GLU A 281 -23.92 3.74 -7.95
C GLU A 281 -22.53 3.80 -7.29
N THR A 282 -22.52 4.17 -6.01
CA THR A 282 -21.29 4.32 -5.24
C THR A 282 -21.19 3.22 -4.21
N LEU A 283 -19.99 2.65 -4.10
CA LEU A 283 -19.63 1.77 -2.99
C LEU A 283 -18.79 2.59 -2.03
N ILE A 284 -19.09 2.49 -0.74
CA ILE A 284 -18.22 3.06 0.27
C ILE A 284 -17.62 1.93 1.11
N VAL A 285 -16.29 1.87 1.12
CA VAL A 285 -15.57 0.91 1.95
C VAL A 285 -14.95 1.69 3.11
N ILE A 286 -15.03 1.13 4.32
CA ILE A 286 -14.49 1.78 5.52
C ILE A 286 -13.62 0.78 6.28
N PHE A 287 -12.34 1.12 6.45
CA PHE A 287 -11.42 0.28 7.20
C PHE A 287 -11.47 0.68 8.67
N PHE A 288 -11.54 -0.27 9.59
CA PHE A 288 -11.72 0.06 11.01
C PHE A 288 -10.45 0.01 11.84
N SER A 289 -10.31 0.96 12.76
CA SER A 289 -9.19 0.99 13.70
C SER A 289 -9.47 0.00 14.83
N ASN A 290 -8.41 -0.57 15.40
CA ASN A 290 -8.51 -1.34 16.63
C ASN A 290 -8.32 -0.44 17.84
N ASP A 291 -7.68 0.71 17.65
CA ASP A 291 -7.57 1.65 18.74
C ASP A 291 -8.99 1.98 19.17
N THR A 292 -9.29 1.67 20.43
CA THR A 292 -10.68 1.73 20.91
C THR A 292 -11.22 3.15 20.80
N TYR A 293 -10.40 4.14 21.12
CA TYR A 293 -10.85 5.53 21.03
C TYR A 293 -11.13 5.98 19.59
N ALA A 294 -10.21 5.67 18.68
CA ALA A 294 -10.35 6.09 17.29
C ALA A 294 -11.50 5.39 16.61
N ARG A 295 -11.77 4.15 17.04
CA ARG A 295 -12.81 3.32 16.46
C ARG A 295 -14.21 3.93 16.64
N GLU A 296 -14.42 4.59 17.77
CA GLU A 296 -15.71 5.15 18.12
C GLU A 296 -16.21 6.05 16.98
N TYR A 297 -15.33 6.89 16.46
CA TYR A 297 -15.65 7.81 15.36
C TYR A 297 -16.06 7.08 14.09
N GLU A 298 -15.50 5.89 13.87
CA GLU A 298 -15.80 5.11 12.67
C GLU A 298 -17.17 4.44 12.76
N TYR A 299 -17.60 4.07 13.97
CA TYR A 299 -18.95 3.55 14.17
C TYR A 299 -19.94 4.61 13.65
N ASP A 300 -19.85 5.81 14.22
CA ASP A 300 -20.82 6.89 13.94
C ASP A 300 -20.86 7.26 12.46
N LEU A 301 -19.69 7.32 11.82
CA LEU A 301 -19.62 7.64 10.39
C LEU A 301 -20.26 6.53 9.55
N LEU A 302 -20.06 5.27 9.95
CA LEU A 302 -20.68 4.12 9.29
C LEU A 302 -22.20 4.18 9.36
N LYS A 303 -22.72 4.41 10.56
CA LYS A 303 -24.17 4.55 10.80
C LYS A 303 -24.79 5.62 9.91
N GLU A 304 -24.05 6.72 9.75
CA GLU A 304 -24.53 7.87 9.01
C GLU A 304 -24.63 7.62 7.51
N VAL A 305 -23.58 7.04 6.91
CA VAL A 305 -23.58 6.80 5.47
C VAL A 305 -24.52 5.64 5.09
N TYR A 306 -24.69 4.67 5.99
CA TYR A 306 -25.57 3.53 5.75
C TYR A 306 -27.06 3.96 5.79
N SER A 307 -27.34 4.97 6.61
CA SER A 307 -28.67 5.54 6.76
C SER A 307 -29.17 6.42 5.59
N GLN A 308 -28.28 7.16 4.94
CA GLN A 308 -28.69 8.34 4.14
C GLN A 308 -29.36 8.10 2.75
N ASN A 309 -30.52 7.44 2.72
CA ASN A 309 -31.25 7.24 1.46
C ASN A 309 -30.36 6.67 0.36
N GLY A 310 -30.89 6.60 -0.86
CA GLY A 310 -30.05 6.37 -2.04
C GLY A 310 -29.71 4.91 -2.33
N ASN A 311 -29.99 4.01 -1.39
CA ASN A 311 -29.81 2.58 -1.63
C ASN A 311 -28.37 2.17 -1.95
N HIS A 312 -27.50 3.15 -2.20
CA HIS A 312 -26.05 2.94 -2.36
C HIS A 312 -25.51 2.08 -1.24
N LYS A 313 -24.30 1.52 -1.43
CA LYS A 313 -23.85 0.41 -0.62
C LYS A 313 -22.54 0.68 0.09
N VAL A 314 -22.43 0.17 1.31
CA VAL A 314 -21.23 0.35 2.13
C VAL A 314 -20.70 -1.02 2.62
N LEU A 315 -19.43 -1.30 2.32
CA LEU A 315 -18.74 -2.49 2.81
C LEU A 315 -17.82 -2.12 3.97
N ALA A 316 -18.00 -2.76 5.12
CA ALA A 316 -17.18 -2.45 6.29
C ALA A 316 -16.14 -3.55 6.45
N ILE A 317 -14.89 -3.17 6.79
CA ILE A 317 -13.80 -4.12 6.98
C ILE A 317 -13.14 -3.93 8.34
N SER A 318 -13.23 -4.96 9.18
CA SER A 318 -12.72 -4.92 10.54
C SER A 318 -11.77 -6.07 10.80
N GLU A 319 -10.84 -5.89 11.73
CA GLU A 319 -9.87 -6.91 12.10
C GLU A 319 -10.53 -8.08 12.86
N TYR A 320 -11.61 -7.77 13.59
CA TYR A 320 -12.33 -8.76 14.38
C TYR A 320 -13.82 -8.61 14.16
N GLU A 321 -14.55 -9.70 14.39
CA GLU A 321 -15.99 -9.71 14.17
C GLU A 321 -16.67 -8.73 15.14
N ASP A 322 -17.70 -8.02 14.66
CA ASP A 322 -18.34 -6.94 15.41
C ASP A 322 -19.82 -6.87 15.02
N LYS A 323 -20.70 -7.32 15.91
CA LYS A 323 -22.15 -7.26 15.64
C LYS A 323 -22.59 -5.84 15.26
N LEU A 324 -22.13 -4.85 16.00
CA LEU A 324 -22.48 -3.45 15.77
C LEU A 324 -22.16 -3.00 14.33
N ILE A 325 -21.01 -3.38 13.78
CA ILE A 325 -20.66 -3.03 12.40
C ILE A 325 -21.47 -3.81 11.37
N GLU A 326 -21.61 -5.12 11.59
CA GLU A 326 -22.37 -5.99 10.69
C GLU A 326 -23.84 -5.56 10.52
N ASP A 327 -24.44 -5.06 11.61
CA ASP A 327 -25.84 -4.61 11.58
C ASP A 327 -25.99 -3.16 11.13
N ASN A 328 -24.90 -2.54 10.71
CA ASN A 328 -24.93 -1.20 10.13
C ASN A 328 -24.16 -1.19 8.82
N SER A 329 -24.30 -2.26 8.04
CA SER A 329 -23.50 -2.44 6.83
C SER A 329 -24.23 -3.24 5.77
N ASP A 330 -24.02 -2.90 4.49
CA ASP A 330 -24.49 -3.75 3.40
C ASP A 330 -23.64 -5.05 3.42
N TYR A 331 -22.33 -4.89 3.30
CA TYR A 331 -21.40 -6.01 3.23
C TYR A 331 -20.35 -5.93 4.33
N PHE A 332 -20.01 -7.08 4.89
CA PHE A 332 -19.07 -7.14 6.00
C PHE A 332 -18.01 -8.25 5.83
N ILE A 333 -16.79 -7.88 6.15
CA ILE A 333 -15.63 -8.74 6.10
C ILE A 333 -14.90 -8.57 7.43
N ALA A 334 -14.58 -9.69 8.07
CA ALA A 334 -13.76 -9.68 9.28
C ALA A 334 -12.49 -10.53 9.07
N ILE A 335 -11.35 -10.01 9.50
CA ILE A 335 -10.08 -10.73 9.30
C ILE A 335 -9.95 -11.93 10.26
N ASN A 336 -10.24 -11.70 11.54
CA ASN A 336 -10.21 -12.73 12.59
C ASN A 336 -11.54 -12.84 13.33
N LYS A 337 -11.72 -13.91 14.12
CA LYS A 337 -12.86 -14.02 15.03
C LYS A 337 -12.75 -13.05 16.21
N GLU A 338 -11.62 -13.11 16.95
CA GLU A 338 -11.38 -12.27 18.12
C GLU A 338 -10.21 -11.33 17.87
N GLU A 339 -10.22 -10.17 18.53
CA GLU A 339 -9.17 -9.17 18.36
C GLU A 339 -7.80 -9.77 18.64
N GLN A 340 -6.91 -9.67 17.66
CA GLN A 340 -5.52 -10.09 17.82
C GLN A 340 -4.68 -8.87 18.15
N GLU A 341 -3.52 -9.13 18.74
CA GLU A 341 -2.65 -8.08 19.22
C GLU A 341 -1.63 -7.71 18.13
N TYR A 342 -1.25 -6.44 18.13
CA TYR A 342 -0.36 -5.86 17.13
C TYR A 342 0.43 -4.73 17.78
N GLU A 343 1.64 -4.44 17.28
CA GLU A 343 2.42 -3.32 17.81
C GLU A 343 1.69 -1.98 17.62
N ASP A 344 1.01 -1.84 16.49
CA ASP A 344 0.34 -0.59 16.12
C ASP A 344 -0.66 -0.88 15.01
N ASP A 345 -1.71 -0.06 14.89
CA ASP A 345 -2.76 -0.26 13.88
C ASP A 345 -2.27 -0.21 12.42
N SER A 346 -1.15 0.46 12.15
CA SER A 346 -0.48 0.36 10.83
C SER A 346 -0.34 -1.09 10.32
N PHE A 347 -0.16 -2.04 11.23
CA PHE A 347 -0.02 -3.45 10.86
C PHE A 347 -1.28 -4.11 10.31
N LEU A 348 -2.46 -3.48 10.48
CA LEU A 348 -3.75 -4.04 10.00
C LEU A 348 -3.93 -3.88 8.51
N SER A 349 -3.14 -3.01 7.89
CA SER A 349 -3.26 -2.70 6.48
C SER A 349 -3.01 -3.91 5.60
N LEU A 350 -2.02 -4.73 5.97
CA LEU A 350 -1.67 -5.90 5.18
C LEU A 350 -2.88 -6.80 4.87
N ASP A 351 -3.59 -7.26 5.90
CA ASP A 351 -4.79 -8.11 5.66
C ASP A 351 -5.96 -7.34 5.09
N TYR A 352 -6.11 -6.07 5.50
CA TYR A 352 -7.12 -5.20 4.90
C TYR A 352 -6.88 -5.06 3.38
N LEU A 353 -5.63 -4.72 3.01
CA LEU A 353 -5.25 -4.43 1.62
C LEU A 353 -5.70 -5.51 0.63
N LEU A 354 -5.42 -6.76 0.99
CA LEU A 354 -5.79 -7.92 0.19
C LEU A 354 -7.18 -7.76 -0.41
N ASN A 355 -8.15 -7.44 0.45
CA ASN A 355 -9.53 -7.34 0.05
C ASN A 355 -9.70 -6.27 -1.01
N ALA A 356 -9.06 -5.12 -0.81
CA ALA A 356 -9.07 -4.02 -1.77
C ALA A 356 -8.53 -4.48 -3.12
N GLN A 357 -7.40 -5.16 -3.11
CA GLN A 357 -6.83 -5.68 -4.36
C GLN A 357 -7.80 -6.63 -5.07
N MSE A 358 -8.48 -7.47 -4.29
CA MSE A 358 -9.46 -8.43 -4.83
C MSE A 358 -10.63 -7.70 -5.50
O MSE A 358 -11.04 -8.08 -6.61
CB MSE A 358 -9.98 -9.35 -3.73
CG MSE A 358 -8.91 -10.30 -3.17
SE MSE A 358 -9.48 -11.27 -1.58
CE MSE A 358 -11.07 -12.11 -2.37
N TYR A 359 -11.18 -6.67 -4.86
CA TYR A 359 -12.24 -5.86 -5.46
C TYR A 359 -11.71 -5.18 -6.72
N ALA A 360 -10.48 -4.68 -6.65
CA ALA A 360 -9.87 -4.02 -7.78
C ALA A 360 -9.81 -5.00 -8.93
N PHE A 361 -9.17 -6.14 -8.67
CA PHE A 361 -8.96 -7.19 -9.66
C PHE A 361 -10.25 -7.76 -10.23
N ILE A 362 -11.16 -8.14 -9.34
CA ILE A 362 -12.40 -8.77 -9.78
C ILE A 362 -13.23 -7.80 -10.62
N ASN A 363 -13.23 -6.51 -10.30
CA ASN A 363 -13.92 -5.53 -11.15
C ASN A 363 -13.33 -5.52 -12.56
N SER A 364 -12.01 -5.48 -12.65
CA SER A 364 -11.33 -5.56 -13.94
C SER A 364 -11.76 -6.80 -14.73
N MSE A 365 -11.67 -7.98 -14.09
CA MSE A 365 -12.04 -9.27 -14.73
C MSE A 365 -13.48 -9.28 -15.25
O MSE A 365 -13.72 -9.77 -16.35
CB MSE A 365 -11.89 -10.46 -13.75
CG MSE A 365 -10.48 -10.98 -13.55
SE MSE A 365 -9.74 -11.61 -15.20
CE MSE A 365 -11.03 -13.03 -15.56
N GLU A 366 -14.39 -8.79 -14.42
CA GLU A 366 -15.82 -8.84 -14.71
C GLU A 366 -16.27 -7.73 -15.66
N LEU A 367 -15.51 -6.63 -15.73
CA LEU A 367 -15.80 -5.56 -16.68
C LEU A 367 -15.30 -5.85 -18.10
N GLY A 368 -14.55 -6.95 -18.27
CA GLY A 368 -14.00 -7.34 -19.58
C GLY A 368 -12.56 -6.94 -19.79
N ILE A 369 -11.97 -6.29 -18.79
CA ILE A 369 -10.61 -5.77 -18.91
C ILE A 369 -9.59 -6.89 -18.73
N GLY A 370 -8.37 -6.66 -19.21
CA GLY A 370 -7.23 -7.56 -18.98
C GLY A 370 -6.33 -6.98 -17.91
N PRO A 371 -6.50 -7.40 -16.64
CA PRO A 371 -5.85 -6.77 -15.46
C PRO A 371 -4.34 -6.63 -15.51
N ASP A 372 -3.66 -7.54 -16.19
CA ASP A 372 -2.20 -7.49 -16.33
C ASP A 372 -1.80 -6.16 -16.98
N ASN A 373 -2.63 -5.67 -17.91
CA ASN A 373 -2.39 -4.44 -18.65
C ASN A 373 -3.72 -3.77 -18.97
N PRO A 374 -4.31 -3.06 -18.00
CA PRO A 374 -5.63 -2.47 -18.16
C PRO A 374 -5.65 -1.30 -19.12
N CYS A 375 -4.47 -0.75 -19.41
CA CYS A 375 -4.30 0.25 -20.45
C CYS A 375 -3.34 -0.27 -21.53
N PRO A 376 -3.79 -1.23 -22.35
CA PRO A 376 -2.92 -1.71 -23.42
C PRO A 376 -2.55 -0.57 -24.37
N THR A 377 -3.50 0.34 -24.62
CA THR A 377 -3.23 1.51 -25.47
C THR A 377 -2.18 2.46 -24.89
N GLY A 378 -1.75 2.21 -23.66
CA GLY A 378 -0.55 2.84 -23.11
C GLY A 378 -0.67 4.28 -22.62
N GLU A 379 -1.89 4.78 -22.40
CA GLU A 379 -2.04 6.12 -21.81
C GLU A 379 -1.35 6.16 -20.43
N VAL A 380 -1.59 5.14 -19.61
CA VAL A 380 -0.82 4.89 -18.39
C VAL A 380 -0.03 3.58 -18.58
N ASN A 381 1.08 3.45 -17.86
CA ASN A 381 1.98 2.30 -18.03
C ASN A 381 2.40 1.67 -16.70
N ARG A 382 3.00 0.47 -16.78
CA ARG A 382 3.62 -0.18 -15.61
C ARG A 382 4.86 0.61 -15.18
N VAL A 383 5.72 0.95 -16.13
CA VAL A 383 6.85 1.85 -15.88
C VAL A 383 6.50 3.18 -16.54
N VAL A 384 6.72 4.29 -15.84
CA VAL A 384 6.20 5.57 -16.30
C VAL A 384 6.92 6.08 -17.56
N LYS A 385 6.13 6.44 -18.56
CA LYS A 385 6.66 6.85 -19.86
C LYS A 385 6.42 8.32 -20.06
N GLY A 386 7.34 8.96 -20.78
CA GLY A 386 7.26 10.39 -21.04
C GLY A 386 7.57 11.29 -19.86
N VAL A 387 8.37 10.82 -18.90
CA VAL A 387 8.85 11.70 -17.82
C VAL A 387 10.24 12.23 -18.16
N ILE A 388 10.33 13.53 -18.48
CA ILE A 388 11.61 14.21 -18.72
C ILE A 388 12.14 14.89 -17.45
N ILE A 389 13.33 14.48 -17.02
CA ILE A 389 14.02 15.12 -15.90
C ILE A 389 14.84 16.30 -16.40
N HIS A 390 14.66 17.47 -15.77
CA HIS A 390 15.21 18.74 -16.30
C HIS A 390 16.45 19.23 -15.53
N ASP A 391 17.14 20.20 -16.13
CA ASP A 391 18.50 20.53 -15.71
C ASP A 391 18.56 21.39 -14.44
N TYR A 392 19.32 20.85 -13.49
CA TYR A 392 19.39 21.32 -12.10
C TYR A 392 19.88 22.76 -11.94
O1 PG4 B . 18.76 23.10 10.11
C1 PG4 B . 17.48 22.51 10.40
C2 PG4 B . 16.55 22.50 9.18
O2 PG4 B . 15.68 23.65 9.12
C3 PG4 B . 14.84 23.68 7.95
C4 PG4 B . 14.37 25.07 7.52
O3 PG4 B . 15.43 25.84 6.94
C5 PG4 B . 15.05 27.21 6.69
C6 PG4 B . 16.21 27.96 6.07
O4 PG4 B . 17.13 28.39 7.07
O1 PG4 C . 10.70 18.21 5.58
C1 PG4 C . 10.59 19.37 4.73
C2 PG4 C . 11.98 20.01 4.64
O2 PG4 C . 11.93 21.43 4.58
C3 PG4 C . 13.17 22.06 4.92
C4 PG4 C . 14.12 22.21 3.74
O3 PG4 C . 14.75 23.48 3.86
C5 PG4 C . 14.57 24.39 2.75
C6 PG4 C . 15.92 24.88 2.23
O4 PG4 C . 16.40 25.95 3.05
P PO4 D . 8.17 2.42 -9.12
O1 PO4 D . 7.21 2.34 -10.26
O2 PO4 D . 9.31 1.52 -9.52
O3 PO4 D . 8.73 3.81 -8.86
O4 PO4 D . 7.53 1.89 -7.87
#